data_4H97
#
_entry.id   4H97
#
_cell.length_a   118.000
_cell.length_b   118.000
_cell.length_c   39.116
_cell.angle_alpha   90.00
_cell.angle_beta   90.00
_cell.angle_gamma   90.00
#
_symmetry.space_group_name_H-M   'P 21 21 2'
#
loop_
_entity.id
_entity.type
_entity.pdbx_description
1 polymer 'Dihydrofolate Reductase'
2 non-polymer 'NADPH DIHYDRO-NICOTINAMIDE-ADENINE-DINUCLEOTIDE PHOSPHATE'
3 non-polymer "5-[(3R)-3-(5-methoxy-4'-methylbiphenyl-3-yl)but-1-yn-1-yl]-6-methylpyrimidine-2,4-diamine"
4 non-polymer GLYCEROL
5 water water
#
_entity_poly.entity_id   1
_entity_poly.type   'polypeptide(L)'
_entity_poly.pdbx_seq_one_letter_code
;KPNVAIIVAALKPALGIGYKGKMPWRLRKEIRYFKDVTTRTTKPNTRNAVIMGRKTWESIPQKFRPLPDRLNIILSRSYE
NEIIDDNIIHASSIESSLNLVSDVERVFIIGGAEIYNELINNSLVSHLLITEIEHPSPESIEMDTFLKFPLESWTKQPKS
ELQKFVGDTVLEDDIKEGDFTYNYTLWTRK
;
_entity_poly.pdbx_strand_id   A,B
#
loop_
_chem_comp.id
_chem_comp.type
_chem_comp.name
_chem_comp.formula
53S non-polymer 5-[(3R)-3-(5-methoxy-4'-methylbiphenyl-3-yl)but-1-yn-1-yl]-6-methylpyrimidine-2,4-diamine 'C23 H24 N4 O'
GOL non-polymer GLYCEROL 'C3 H8 O3'
NDP non-polymer 'NADPH DIHYDRO-NICOTINAMIDE-ADENINE-DINUCLEOTIDE PHOSPHATE' 'C21 H30 N7 O17 P3'
#
# COMPACT_ATOMS: atom_id res chain seq x y z
N LYS A 1 11.72 1.44 -22.87
CA LYS A 1 10.39 0.82 -22.57
C LYS A 1 10.49 -0.15 -21.40
N PRO A 2 9.59 0.00 -20.40
CA PRO A 2 9.54 -0.87 -19.22
C PRO A 2 9.15 -2.31 -19.57
N ASN A 3 9.46 -3.25 -18.70
CA ASN A 3 9.16 -4.67 -18.96
C ASN A 3 7.67 -4.98 -18.80
N VAL A 4 7.12 -5.68 -19.79
CA VAL A 4 5.72 -6.07 -19.82
C VAL A 4 5.59 -7.55 -19.49
N ALA A 5 4.62 -7.88 -18.65
CA ALA A 5 4.38 -9.27 -18.24
C ALA A 5 2.89 -9.63 -18.23
N ILE A 6 2.60 -10.89 -18.50
CA ILE A 6 1.23 -11.41 -18.43
C ILE A 6 1.05 -12.11 -17.10
N ILE A 7 -0.01 -11.76 -16.37
CA ILE A 7 -0.32 -12.44 -15.11
C ILE A 7 -1.69 -13.11 -15.25
N VAL A 8 -1.71 -14.42 -15.00
CA VAL A 8 -2.92 -15.20 -15.16
C VAL A 8 -2.94 -16.45 -14.27
N ALA A 9 -4.14 -16.91 -13.94
CA ALA A 9 -4.34 -18.13 -13.19
C ALA A 9 -5.22 -19.04 -14.04
N ALA A 10 -4.72 -20.23 -14.37
CA ALA A 10 -5.43 -21.16 -15.23
C ALA A 10 -5.41 -22.60 -14.72
N LEU A 11 -6.46 -23.35 -15.07
CA LEU A 11 -6.62 -24.74 -14.66
C LEU A 11 -6.03 -25.69 -15.71
N LYS A 12 -5.03 -26.46 -15.31
CA LYS A 12 -4.42 -27.47 -16.19
C LYS A 12 -5.38 -28.63 -16.46
N PRO A 13 -5.21 -29.33 -17.60
CA PRO A 13 -4.20 -29.10 -18.64
C PRO A 13 -4.67 -28.24 -19.81
N ALA A 14 -5.98 -28.00 -19.90
CA ALA A 14 -6.57 -27.23 -21.00
C ALA A 14 -6.42 -25.71 -20.85
N LEU A 15 -5.86 -25.29 -19.73
CA LEU A 15 -5.62 -23.87 -19.40
C LEU A 15 -6.88 -23.01 -19.49
N GLY A 16 -7.95 -23.47 -18.84
CA GLY A 16 -9.21 -22.74 -18.78
C GLY A 16 -9.10 -21.64 -17.75
N ILE A 17 -9.72 -20.50 -18.04
CA ILE A 17 -9.66 -19.33 -17.14
C ILE A 17 -11.03 -18.81 -16.69
N GLY A 18 -12.08 -19.14 -17.41
CA GLY A 18 -13.42 -18.67 -17.06
C GLY A 18 -14.60 -19.43 -17.59
N TYR A 19 -15.77 -19.10 -17.05
CA TYR A 19 -17.05 -19.68 -17.45
C TYR A 19 -18.14 -18.63 -17.37
N LYS A 20 -18.57 -18.15 -18.54
CA LYS A 20 -19.62 -17.12 -18.67
C LYS A 20 -19.28 -15.81 -17.94
N GLY A 21 -18.16 -15.20 -18.33
CA GLY A 21 -17.73 -13.92 -17.78
C GLY A 21 -17.17 -13.92 -16.37
N LYS A 22 -17.15 -15.09 -15.72
CA LYS A 22 -16.64 -15.19 -14.35
C LYS A 22 -15.65 -16.35 -14.18
N MET A 23 -14.77 -16.22 -13.21
CA MET A 23 -13.78 -17.25 -12.87
C MET A 23 -14.45 -18.39 -12.12
N PRO A 24 -14.14 -19.65 -12.50
CA PRO A 24 -14.75 -20.85 -11.90
C PRO A 24 -14.23 -21.19 -10.50
N TRP A 25 -13.46 -20.29 -9.90
CA TRP A 25 -12.89 -20.52 -8.57
C TRP A 25 -12.71 -19.24 -7.76
N ARG A 26 -12.62 -19.40 -6.45
CA ARG A 26 -12.35 -18.30 -5.54
C ARG A 26 -11.17 -18.70 -4.64
N LEU A 27 -9.97 -18.36 -5.09
CA LEU A 27 -8.75 -18.70 -4.39
C LEU A 27 -8.24 -17.48 -3.63
N ARG A 28 -8.50 -17.49 -2.32
CA ARG A 28 -8.19 -16.37 -1.41
C ARG A 28 -6.72 -15.92 -1.39
N LYS A 29 -5.81 -16.89 -1.39
CA LYS A 29 -4.38 -16.59 -1.36
C LYS A 29 -3.85 -16.12 -2.73
N GLU A 30 -4.41 -16.68 -3.80
CA GLU A 30 -4.02 -16.34 -5.16
C GLU A 30 -4.40 -14.88 -5.46
N ILE A 31 -5.60 -14.50 -5.00
CA ILE A 31 -6.12 -13.14 -5.13
C ILE A 31 -5.14 -12.15 -4.48
N ARG A 32 -4.59 -12.54 -3.32
CA ARG A 32 -3.66 -11.74 -2.55
C ARG A 32 -2.29 -11.65 -3.25
N TYR A 33 -1.87 -12.75 -3.87
CA TYR A 33 -0.64 -12.82 -4.65
C TYR A 33 -0.73 -11.85 -5.82
N PHE A 34 -1.86 -11.90 -6.53
CA PHE A 34 -2.14 -11.01 -7.66
C PHE A 34 -2.02 -9.53 -7.27
N LYS A 35 -2.57 -9.18 -6.11
CA LYS A 35 -2.55 -7.80 -5.64
CA LYS A 35 -2.56 -7.79 -5.62
C LYS A 35 -1.14 -7.31 -5.31
N ASP A 36 -0.40 -8.09 -4.52
CA ASP A 36 0.96 -7.73 -4.09
C ASP A 36 1.97 -7.63 -5.25
N VAL A 37 1.93 -8.61 -6.16
CA VAL A 37 2.85 -8.65 -7.30
C VAL A 37 2.64 -7.50 -8.28
N THR A 38 1.38 -7.24 -8.63
CA THR A 38 1.06 -6.16 -9.56
C THR A 38 1.23 -4.77 -8.93
N THR A 39 1.27 -4.70 -7.60
CA THR A 39 1.40 -3.41 -6.90
C THR A 39 2.85 -3.01 -6.56
N ARG A 40 3.61 -3.92 -5.97
CA ARG A 40 4.98 -3.60 -5.49
C ARG A 40 5.95 -3.12 -6.57
N THR A 41 6.78 -2.16 -6.18
CA THR A 41 7.80 -1.57 -7.04
C THR A 41 9.15 -1.61 -6.32
N THR A 42 10.24 -1.54 -7.07
CA THR A 42 11.59 -1.58 -6.48
C THR A 42 12.21 -0.19 -6.34
N LYS A 43 11.94 0.68 -7.31
CA LYS A 43 12.45 2.04 -7.32
C LYS A 43 11.46 2.98 -6.66
N PRO A 44 11.96 4.02 -5.97
CA PRO A 44 11.10 5.01 -5.31
C PRO A 44 10.23 5.82 -6.27
N ASN A 45 9.17 6.43 -5.74
CA ASN A 45 8.20 7.25 -6.49
C ASN A 45 7.78 6.74 -7.90
N THR A 46 7.60 5.42 -8.01
CA THR A 46 7.13 4.77 -9.23
C THR A 46 5.89 3.95 -8.93
N ARG A 47 5.16 3.56 -9.97
CA ARG A 47 3.99 2.70 -9.81
C ARG A 47 3.85 1.77 -11.01
N ASN A 48 3.20 0.63 -10.81
CA ASN A 48 2.97 -0.32 -11.88
C ASN A 48 1.68 -0.03 -12.63
N ALA A 49 1.61 -0.53 -13.85
CA ALA A 49 0.43 -0.38 -14.68
C ALA A 49 -0.24 -1.73 -14.89
N VAL A 50 -1.58 -1.73 -14.91
CA VAL A 50 -2.35 -2.93 -15.19
C VAL A 50 -3.21 -2.68 -16.42
N ILE A 51 -2.95 -3.47 -17.47
CA ILE A 51 -3.69 -3.37 -18.72
C ILE A 51 -4.75 -4.46 -18.77
N MET A 52 -5.98 -4.08 -19.12
CA MET A 52 -7.07 -5.04 -19.21
C MET A 52 -8.03 -4.71 -20.33
N GLY A 53 -8.82 -5.69 -20.74
CA GLY A 53 -9.83 -5.49 -21.78
C GLY A 53 -11.03 -4.80 -21.17
N ARG A 54 -11.84 -4.16 -22.00
CA ARG A 54 -13.03 -3.43 -21.55
C ARG A 54 -13.98 -4.33 -20.76
N LYS A 55 -14.20 -5.54 -21.27
CA LYS A 55 -15.11 -6.50 -20.62
C LYS A 55 -14.64 -6.89 -19.21
N THR A 56 -13.33 -7.04 -19.04
CA THR A 56 -12.75 -7.37 -17.73
C THR A 56 -12.95 -6.20 -16.75
N TRP A 57 -12.77 -4.99 -17.22
CA TRP A 57 -12.96 -3.78 -16.43
C TRP A 57 -14.38 -3.69 -15.87
N GLU A 58 -15.35 -4.01 -16.72
CA GLU A 58 -16.77 -3.96 -16.36
C GLU A 58 -17.19 -5.05 -15.38
N SER A 59 -16.43 -6.15 -15.36
CA SER A 59 -16.72 -7.28 -14.47
C SER A 59 -16.26 -7.01 -13.04
N ILE A 60 -15.26 -6.14 -12.89
CA ILE A 60 -14.71 -5.77 -11.59
C ILE A 60 -15.72 -4.94 -10.79
N PRO A 61 -15.97 -5.35 -9.52
CA PRO A 61 -16.91 -4.67 -8.62
C PRO A 61 -16.58 -3.18 -8.44
N GLN A 62 -17.64 -2.37 -8.39
CA GLN A 62 -17.56 -0.89 -8.29
C GLN A 62 -16.50 -0.34 -7.32
N LYS A 63 -16.44 -0.90 -6.11
CA LYS A 63 -15.50 -0.41 -5.10
C LYS A 63 -14.05 -0.90 -5.29
N PHE A 64 -13.84 -1.88 -6.17
CA PHE A 64 -12.50 -2.37 -6.46
C PHE A 64 -11.91 -1.75 -7.73
N ARG A 65 -12.70 -0.94 -8.43
CA ARG A 65 -12.25 -0.26 -9.65
C ARG A 65 -12.20 1.27 -9.49
N PRO A 66 -11.09 1.90 -9.91
CA PRO A 66 -9.91 1.24 -10.50
C PRO A 66 -9.11 0.50 -9.42
N LEU A 67 -8.25 -0.42 -9.84
CA LEU A 67 -7.40 -1.16 -8.90
C LEU A 67 -6.44 -0.18 -8.23
N PRO A 68 -6.51 -0.07 -6.90
CA PRO A 68 -5.72 0.91 -6.13
C PRO A 68 -4.21 0.71 -6.21
N ASP A 69 -3.47 1.82 -6.16
CA ASP A 69 -2.01 1.84 -6.15
C ASP A 69 -1.38 1.42 -7.49
N ARG A 70 -2.24 1.27 -8.50
CA ARG A 70 -1.80 0.86 -9.84
C ARG A 70 -2.49 1.70 -10.89
N LEU A 71 -1.79 1.93 -11.99
CA LEU A 71 -2.34 2.64 -13.12
C LEU A 71 -3.19 1.67 -13.93
N ASN A 72 -4.49 1.95 -14.02
CA ASN A 72 -5.41 1.10 -14.77
C ASN A 72 -5.54 1.52 -16.23
N ILE A 73 -5.18 0.60 -17.11
CA ILE A 73 -5.26 0.83 -18.56
C ILE A 73 -6.33 -0.09 -19.13
N ILE A 74 -7.39 0.52 -19.69
CA ILE A 74 -8.49 -0.24 -20.26
C ILE A 74 -8.41 -0.20 -21.78
N LEU A 75 -8.39 -1.38 -22.41
CA LEU A 75 -8.30 -1.49 -23.87
C LEU A 75 -9.61 -1.77 -24.56
N SER A 76 -9.89 -0.97 -25.58
CA SER A 76 -11.05 -1.10 -26.45
C SER A 76 -10.67 -0.56 -27.81
N ARG A 77 -11.25 -1.14 -28.85
CA ARG A 77 -11.01 -0.72 -30.22
C ARG A 77 -11.75 0.59 -30.53
N SER A 78 -12.70 0.95 -29.66
CA SER A 78 -13.48 2.16 -29.81
C SER A 78 -12.93 3.34 -29.01
N TYR A 79 -11.90 3.10 -28.21
CA TYR A 79 -11.31 4.16 -27.40
C TYR A 79 -10.25 4.99 -28.10
N GLU A 80 -10.19 6.26 -27.74
CA GLU A 80 -9.14 7.17 -28.19
C GLU A 80 -8.03 7.05 -27.16
N ASN A 81 -6.79 7.23 -27.58
CA ASN A 81 -5.66 7.14 -26.65
C ASN A 81 -5.62 8.38 -25.76
N GLU A 82 -6.31 8.31 -24.63
CA GLU A 82 -6.43 9.46 -23.72
C GLU A 82 -6.45 9.09 -22.23
N ILE A 83 -5.90 9.99 -21.43
CA ILE A 83 -5.84 9.83 -19.99
C ILE A 83 -7.12 10.37 -19.37
N ILE A 84 -7.92 9.47 -18.78
CA ILE A 84 -9.19 9.83 -18.14
C ILE A 84 -8.92 10.59 -16.84
N ASP A 85 -8.18 9.97 -15.93
CA ASP A 85 -7.80 10.62 -14.67
C ASP A 85 -6.41 10.12 -14.22
N ASP A 86 -6.06 10.39 -12.97
CA ASP A 86 -4.76 10.00 -12.41
C ASP A 86 -4.50 8.49 -12.44
N ASN A 87 -5.57 7.70 -12.39
CA ASN A 87 -5.45 6.24 -12.34
C ASN A 87 -6.02 5.48 -13.54
N ILE A 88 -6.71 6.18 -14.43
CA ILE A 88 -7.39 5.52 -15.56
C ILE A 88 -6.96 6.05 -16.94
N ILE A 89 -6.64 5.11 -17.83
CA ILE A 89 -6.27 5.42 -19.21
C ILE A 89 -7.05 4.54 -20.18
N HIS A 90 -7.57 5.16 -21.24
CA HIS A 90 -8.23 4.41 -22.31
C HIS A 90 -7.32 4.40 -23.52
N ALA A 91 -7.11 3.21 -24.08
CA ALA A 91 -6.23 3.04 -25.24
C ALA A 91 -6.76 1.99 -26.20
N SER A 92 -6.31 2.07 -27.45
CA SER A 92 -6.72 1.15 -28.51
C SER A 92 -5.71 0.02 -28.73
N SER A 93 -4.55 0.14 -28.08
CA SER A 93 -3.47 -0.86 -28.17
C SER A 93 -2.50 -0.68 -27.01
N ILE A 94 -1.73 -1.71 -26.72
CA ILE A 94 -0.74 -1.66 -25.63
C ILE A 94 0.39 -0.66 -25.92
N GLU A 95 0.88 -0.65 -27.16
CA GLU A 95 1.96 0.26 -27.55
C GLU A 95 1.55 1.73 -27.48
N SER A 96 0.27 2.00 -27.74
CA SER A 96 -0.28 3.35 -27.64
C SER A 96 -0.40 3.80 -26.18
N SER A 97 -0.70 2.85 -25.30
CA SER A 97 -0.82 3.14 -23.86
C SER A 97 0.54 3.40 -23.22
N LEU A 98 1.58 2.71 -23.72
CA LEU A 98 2.95 2.90 -23.22
C LEU A 98 3.52 4.28 -23.55
N ASN A 99 2.94 4.94 -24.56
CA ASN A 99 3.37 6.28 -24.96
C ASN A 99 2.72 7.39 -24.13
N LEU A 100 1.65 7.04 -23.41
CA LEU A 100 0.92 7.98 -22.56
C LEU A 100 1.34 7.92 -21.10
N VAL A 101 1.74 6.73 -20.65
CA VAL A 101 2.14 6.50 -19.26
C VAL A 101 3.46 7.21 -18.90
N SER A 102 3.65 7.41 -17.59
CA SER A 102 4.86 8.04 -17.06
C SER A 102 5.15 7.46 -15.68
N ASP A 103 6.44 7.29 -15.38
CA ASP A 103 6.91 6.75 -14.10
C ASP A 103 6.34 5.35 -13.83
N VAL A 104 6.33 4.52 -14.87
CA VAL A 104 5.84 3.14 -14.78
C VAL A 104 7.01 2.17 -14.82
N GLU A 105 7.13 1.35 -13.77
CA GLU A 105 8.21 0.38 -13.66
C GLU A 105 7.89 -0.94 -14.38
N ARG A 106 6.81 -1.59 -13.97
CA ARG A 106 6.40 -2.85 -14.57
C ARG A 106 4.96 -2.75 -15.07
N VAL A 107 4.69 -3.43 -16.17
CA VAL A 107 3.36 -3.46 -16.76
C VAL A 107 2.81 -4.88 -16.67
N PHE A 108 1.57 -5.01 -16.20
CA PHE A 108 0.94 -6.31 -16.07
C PHE A 108 -0.37 -6.43 -16.86
N ILE A 109 -0.41 -7.41 -17.76
CA ILE A 109 -1.61 -7.71 -18.52
C ILE A 109 -2.43 -8.65 -17.63
N ILE A 110 -3.63 -8.23 -17.28
CA ILE A 110 -4.45 -8.98 -16.31
C ILE A 110 -5.72 -9.61 -16.89
N GLY A 111 -5.90 -9.55 -18.21
CA GLY A 111 -7.07 -10.16 -18.86
C GLY A 111 -7.92 -9.25 -19.71
N GLY A 112 -8.99 -9.80 -20.30
CA GLY A 112 -9.36 -11.21 -20.16
C GLY A 112 -8.87 -12.10 -21.29
N ALA A 113 -9.70 -13.09 -21.64
CA ALA A 113 -9.38 -14.11 -22.65
C ALA A 113 -8.89 -13.56 -24.00
N GLU A 114 -9.65 -12.65 -24.60
CA GLU A 114 -9.27 -12.07 -25.89
C GLU A 114 -7.97 -11.28 -25.79
N ILE A 115 -7.75 -10.63 -24.64
CA ILE A 115 -6.54 -9.86 -24.39
C ILE A 115 -5.31 -10.78 -24.28
N TYR A 116 -5.43 -11.83 -23.46
CA TYR A 116 -4.33 -12.80 -23.29
C TYR A 116 -3.92 -13.43 -24.61
N ASN A 117 -4.90 -14.06 -25.27
CA ASN A 117 -4.70 -14.80 -26.51
C ASN A 117 -4.15 -13.99 -27.69
N GLU A 118 -4.28 -12.66 -27.61
CA GLU A 118 -3.80 -11.80 -28.69
C GLU A 118 -2.67 -10.86 -28.26
N LEU A 119 -2.09 -11.12 -27.09
CA LEU A 119 -0.92 -10.37 -26.61
C LEU A 119 0.21 -11.32 -26.22
N ILE A 120 -0.12 -12.61 -26.10
CA ILE A 120 0.85 -13.66 -25.81
C ILE A 120 1.92 -13.72 -26.91
N ASN A 121 1.52 -13.38 -28.12
CA ASN A 121 2.39 -13.38 -29.29
C ASN A 121 2.92 -11.99 -29.64
N ASN A 122 2.82 -11.07 -28.69
CA ASN A 122 3.32 -9.71 -28.87
C ASN A 122 4.72 -9.62 -28.28
N SER A 123 5.67 -9.12 -29.07
CA SER A 123 7.08 -9.02 -28.65
C SER A 123 7.31 -8.18 -27.38
N LEU A 124 6.40 -7.23 -27.12
CA LEU A 124 6.51 -6.38 -25.92
C LEU A 124 6.43 -7.19 -24.63
N VAL A 125 5.66 -8.29 -24.68
CA VAL A 125 5.50 -9.20 -23.55
C VAL A 125 6.73 -10.10 -23.44
N SER A 126 7.43 -10.02 -22.31
CA SER A 126 8.66 -10.78 -22.11
C SER A 126 8.57 -11.82 -20.99
N HIS A 127 7.55 -11.69 -20.14
CA HIS A 127 7.37 -12.60 -19.01
C HIS A 127 5.94 -13.10 -18.85
N LEU A 128 5.80 -14.32 -18.34
CA LEU A 128 4.50 -14.90 -18.06
C LEU A 128 4.44 -15.36 -16.62
N LEU A 129 3.50 -14.80 -15.87
CA LEU A 129 3.28 -15.22 -14.49
C LEU A 129 2.00 -16.01 -14.47
N ILE A 130 2.15 -17.33 -14.62
CA ILE A 130 1.02 -18.24 -14.66
C ILE A 130 0.86 -19.00 -13.36
N THR A 131 -0.33 -18.93 -12.79
CA THR A 131 -0.64 -19.70 -11.60
C THR A 131 -1.30 -20.97 -12.12
N GLU A 132 -0.53 -22.06 -12.09
CA GLU A 132 -1.00 -23.36 -12.56
C GLU A 132 -1.87 -24.02 -11.52
N ILE A 133 -3.14 -24.19 -11.85
CA ILE A 133 -4.12 -24.79 -10.95
C ILE A 133 -4.42 -26.22 -11.37
N GLU A 134 -4.34 -27.14 -10.41
CA GLU A 134 -4.61 -28.56 -10.65
C GLU A 134 -5.84 -28.99 -9.87
N HIS A 135 -6.56 -29.96 -10.42
CA HIS A 135 -7.79 -30.47 -9.82
C HIS A 135 -7.91 -31.97 -10.10
N PRO A 136 -8.38 -32.77 -9.11
CA PRO A 136 -8.55 -34.22 -9.28
C PRO A 136 -9.35 -34.60 -10.53
N SER A 137 -10.32 -33.75 -10.89
CA SER A 137 -11.14 -33.95 -12.08
C SER A 137 -11.37 -32.61 -12.79
N PRO A 138 -10.43 -32.20 -13.66
CA PRO A 138 -10.52 -30.92 -14.38
C PRO A 138 -11.77 -30.83 -15.27
N GLU A 139 -12.12 -31.94 -15.92
CA GLU A 139 -13.28 -32.00 -16.82
C GLU A 139 -14.60 -31.75 -16.09
N SER A 140 -14.61 -31.99 -14.77
CA SER A 140 -15.79 -31.80 -13.94
C SER A 140 -16.12 -30.32 -13.71
N ILE A 141 -15.15 -29.46 -13.95
CA ILE A 141 -15.33 -28.01 -13.80
C ILE A 141 -15.86 -27.40 -15.10
N GLU A 142 -16.94 -26.64 -15.00
CA GLU A 142 -17.54 -25.97 -16.16
C GLU A 142 -16.60 -24.90 -16.71
N MET A 143 -16.26 -25.02 -17.99
CA MET A 143 -15.33 -24.11 -18.65
C MET A 143 -15.76 -23.84 -20.08
N ASP A 144 -15.51 -22.62 -20.56
CA ASP A 144 -15.86 -22.25 -21.95
C ASP A 144 -14.88 -21.26 -22.58
N THR A 145 -13.97 -20.72 -21.76
CA THR A 145 -12.93 -19.80 -22.24
C THR A 145 -11.57 -20.34 -21.82
N PHE A 146 -10.70 -20.51 -22.81
CA PHE A 146 -9.37 -21.09 -22.60
C PHE A 146 -8.25 -20.19 -23.10
N LEU A 147 -7.02 -20.52 -22.70
CA LEU A 147 -5.84 -19.78 -23.14
C LEU A 147 -5.18 -20.45 -24.34
N LYS A 148 -4.92 -19.67 -25.38
CA LYS A 148 -4.23 -20.14 -26.58
C LYS A 148 -2.77 -19.70 -26.47
N PHE A 149 -2.06 -20.37 -25.57
CA PHE A 149 -0.67 -20.08 -25.24
C PHE A 149 0.30 -21.12 -25.79
N PRO A 150 1.21 -20.70 -26.68
CA PRO A 150 2.21 -21.64 -27.16
C PRO A 150 3.41 -21.70 -26.20
N LEU A 151 3.20 -22.36 -25.06
CA LEU A 151 4.24 -22.51 -24.02
C LEU A 151 5.46 -23.28 -24.53
N GLU A 152 5.33 -23.85 -25.72
CA GLU A 152 6.40 -24.57 -26.40
C GLU A 152 7.56 -23.62 -26.65
N SER A 153 7.21 -22.39 -27.03
CA SER A 153 8.18 -21.34 -27.34
C SER A 153 8.56 -20.53 -26.10
N TRP A 154 8.06 -20.96 -24.94
CA TRP A 154 8.36 -20.34 -23.66
C TRP A 154 9.15 -21.30 -22.78
N THR A 155 9.81 -20.77 -21.76
CA THR A 155 10.62 -21.57 -20.86
C THR A 155 10.25 -21.33 -19.41
N LYS A 156 9.91 -22.41 -18.70
CA LYS A 156 9.58 -22.37 -17.29
C LYS A 156 10.84 -22.05 -16.48
N GLN A 157 10.83 -20.92 -15.79
CA GLN A 157 11.99 -20.47 -15.01
C GLN A 157 12.03 -21.10 -13.60
N PRO A 158 13.23 -21.16 -12.99
CA PRO A 158 13.35 -21.69 -11.63
C PRO A 158 12.64 -20.79 -10.63
N LYS A 159 12.18 -21.37 -9.53
CA LYS A 159 11.48 -20.61 -8.48
C LYS A 159 12.31 -19.42 -8.01
N SER A 160 13.64 -19.60 -7.93
CA SER A 160 14.56 -18.54 -7.50
C SER A 160 14.47 -17.28 -8.38
N GLU A 161 14.22 -17.48 -9.67
CA GLU A 161 14.07 -16.37 -10.62
C GLU A 161 12.75 -15.63 -10.37
N LEU A 162 11.71 -16.40 -10.07
CA LEU A 162 10.40 -15.83 -9.74
C LEU A 162 10.46 -15.09 -8.41
N GLN A 163 11.22 -15.65 -7.47
CA GLN A 163 11.41 -15.05 -6.16
C GLN A 163 12.11 -13.70 -6.30
N LYS A 164 13.13 -13.66 -7.16
CA LYS A 164 13.85 -12.43 -7.47
C LYS A 164 12.90 -11.40 -8.08
N PHE A 165 12.01 -11.87 -8.95
CA PHE A 165 11.03 -11.02 -9.63
C PHE A 165 9.99 -10.45 -8.67
N VAL A 166 9.53 -11.27 -7.71
CA VAL A 166 8.50 -10.87 -6.74
C VAL A 166 9.08 -10.28 -5.45
N GLY A 167 10.41 -10.35 -5.30
CA GLY A 167 11.08 -9.80 -4.12
C GLY A 167 10.86 -10.59 -2.85
N ASP A 168 10.42 -9.89 -1.80
CA ASP A 168 10.17 -10.50 -0.48
C ASP A 168 8.82 -11.21 -0.39
N THR A 169 8.07 -11.24 -1.50
CA THR A 169 6.76 -11.89 -1.56
C THR A 169 6.90 -13.39 -1.27
N VAL A 170 6.04 -13.88 -0.37
CA VAL A 170 6.03 -15.27 0.04
C VAL A 170 5.52 -16.19 -1.07
N LEU A 171 6.37 -17.14 -1.47
CA LEU A 171 6.02 -18.12 -2.48
C LEU A 171 5.92 -19.50 -1.86
N GLU A 172 4.68 -19.95 -1.63
CA GLU A 172 4.43 -21.25 -1.04
C GLU A 172 4.25 -22.30 -2.13
N ASP A 173 4.54 -23.55 -1.77
CA ASP A 173 4.38 -24.67 -2.70
C ASP A 173 3.04 -25.36 -2.47
N ASP A 174 2.46 -25.87 -3.55
CA ASP A 174 1.19 -26.62 -3.52
C ASP A 174 0.14 -26.02 -2.57
N ILE A 175 -0.36 -24.83 -2.92
CA ILE A 175 -1.38 -24.17 -2.11
C ILE A 175 -2.70 -24.89 -2.32
N LYS A 176 -3.23 -25.47 -1.24
CA LYS A 176 -4.46 -26.27 -1.31
C LYS A 176 -5.69 -25.57 -0.74
N GLU A 177 -6.56 -25.11 -1.63
CA GLU A 177 -7.84 -24.51 -1.23
C GLU A 177 -8.97 -25.33 -1.84
N GLY A 178 -9.67 -26.07 -0.99
CA GLY A 178 -10.74 -26.96 -1.44
C GLY A 178 -10.11 -28.13 -2.17
N ASP A 179 -10.61 -28.40 -3.39
CA ASP A 179 -10.07 -29.47 -4.22
C ASP A 179 -8.98 -28.95 -5.16
N PHE A 180 -8.77 -27.64 -5.16
CA PHE A 180 -7.76 -27.01 -6.02
C PHE A 180 -6.38 -26.94 -5.36
N THR A 181 -5.34 -27.18 -6.16
CA THR A 181 -3.95 -27.10 -5.74
C THR A 181 -3.18 -26.27 -6.77
N TYR A 182 -2.47 -25.25 -6.32
CA TYR A 182 -1.76 -24.39 -7.28
C TYR A 182 -0.37 -23.93 -6.87
N ASN A 183 0.39 -23.52 -7.89
CA ASN A 183 1.75 -23.03 -7.76
C ASN A 183 1.99 -21.82 -8.64
N TYR A 184 2.88 -20.94 -8.21
CA TYR A 184 3.22 -19.75 -8.99
C TYR A 184 4.41 -20.05 -9.89
N THR A 185 4.28 -19.72 -11.17
CA THR A 185 5.33 -19.99 -12.16
C THR A 185 5.70 -18.76 -12.98
N LEU A 186 6.96 -18.73 -13.43
CA LEU A 186 7.47 -17.65 -14.27
C LEU A 186 7.99 -18.21 -15.59
N TRP A 187 7.59 -17.60 -16.69
CA TRP A 187 8.00 -18.06 -18.03
C TRP A 187 8.67 -16.97 -18.86
N THR A 188 9.68 -17.36 -19.63
CA THR A 188 10.39 -16.45 -20.54
C THR A 188 10.49 -17.09 -21.93
N ARG A 189 10.62 -16.26 -22.96
CA ARG A 189 10.70 -16.73 -24.35
C ARG A 189 11.99 -17.50 -24.66
N LYS A 190 11.88 -18.49 -25.56
CA LYS A 190 13.02 -19.30 -25.99
C LYS A 190 14.05 -18.44 -26.73
N LYS B 1 -8.18 27.04 12.38
CA LYS B 1 -6.81 26.50 12.61
C LYS B 1 -6.63 26.03 14.06
N PRO B 2 -6.69 24.71 14.28
CA PRO B 2 -6.53 24.13 15.62
C PRO B 2 -5.08 23.76 15.93
N ASN B 3 -4.87 22.94 16.96
CA ASN B 3 -3.54 22.51 17.36
C ASN B 3 -3.10 21.29 16.56
N VAL B 4 -2.00 21.43 15.83
CA VAL B 4 -1.48 20.35 14.98
C VAL B 4 -0.14 19.84 15.51
N ALA B 5 -0.05 18.51 15.68
CA ALA B 5 1.15 17.89 16.23
C ALA B 5 1.58 16.62 15.50
N ILE B 6 2.89 16.42 15.39
CA ILE B 6 3.47 15.21 14.83
C ILE B 6 3.73 14.21 15.96
N ILE B 7 3.17 13.01 15.83
CA ILE B 7 3.38 11.97 16.83
C ILE B 7 4.14 10.81 16.18
N VAL B 8 5.30 10.49 16.76
CA VAL B 8 6.17 9.46 16.21
C VAL B 8 7.03 8.79 17.29
N ALA B 9 7.54 7.60 16.97
CA ALA B 9 8.46 6.86 17.82
C ALA B 9 9.70 6.57 16.98
N ALA B 10 10.84 7.12 17.39
CA ALA B 10 12.08 6.97 16.64
C ALA B 10 13.28 6.54 17.49
N LEU B 11 14.15 5.74 16.88
CA LEU B 11 15.35 5.24 17.54
C LEU B 11 16.52 6.23 17.40
N LYS B 12 17.02 6.70 18.54
CA LYS B 12 18.15 7.62 18.57
C LYS B 12 19.46 6.90 18.23
N PRO B 13 20.46 7.63 17.68
CA PRO B 13 20.42 9.07 17.35
C PRO B 13 20.10 9.36 15.88
N ALA B 14 20.03 8.31 15.06
CA ALA B 14 19.76 8.45 13.62
C ALA B 14 18.30 8.74 13.30
N LEU B 15 17.44 8.61 14.32
CA LEU B 15 15.98 8.82 14.20
C LEU B 15 15.35 7.88 13.16
N GLY B 16 15.66 6.60 13.28
CA GLY B 16 15.09 5.57 12.39
C GLY B 16 13.70 5.20 12.85
N ILE B 17 12.79 5.00 11.89
CA ILE B 17 11.39 4.69 12.21
C ILE B 17 10.82 3.44 11.52
N GLY B 18 11.59 2.86 10.60
CA GLY B 18 11.11 1.66 9.90
C GLY B 18 12.14 0.96 9.04
N TYR B 19 11.86 -0.32 8.76
CA TYR B 19 12.69 -1.16 7.91
C TYR B 19 11.80 -2.03 7.04
N LYS B 20 12.01 -1.96 5.73
CA LYS B 20 11.21 -2.70 4.74
C LYS B 20 9.71 -2.43 4.89
N GLY B 21 9.37 -1.16 5.10
CA GLY B 21 7.99 -0.72 5.26
C GLY B 21 7.31 -1.20 6.53
N LYS B 22 8.09 -1.42 7.58
CA LYS B 22 7.55 -1.88 8.87
C LYS B 22 8.41 -1.42 10.07
N MET B 23 7.74 -1.11 11.16
CA MET B 23 8.40 -0.71 12.41
C MET B 23 9.19 -1.89 12.97
N PRO B 24 10.48 -1.68 13.28
CA PRO B 24 11.35 -2.76 13.76
C PRO B 24 11.23 -3.06 15.26
N TRP B 25 10.11 -2.68 15.86
CA TRP B 25 9.88 -2.89 17.29
C TRP B 25 8.41 -2.96 17.66
N ARG B 26 8.13 -3.57 18.81
CA ARG B 26 6.80 -3.63 19.38
C ARG B 26 6.89 -3.16 20.83
N LEU B 27 6.58 -1.88 21.02
CA LEU B 27 6.60 -1.28 22.34
C LEU B 27 5.15 -1.23 22.79
N ARG B 28 4.76 -2.24 23.57
CA ARG B 28 3.38 -2.44 24.02
C ARG B 28 2.77 -1.24 24.75
N LYS B 29 3.54 -0.62 25.63
CA LYS B 29 3.05 0.53 26.40
C LYS B 29 3.02 1.80 25.54
N GLU B 30 3.93 1.87 24.57
CA GLU B 30 4.03 3.01 23.65
C GLU B 30 2.81 3.03 22.72
N ILE B 31 2.43 1.85 22.23
CA ILE B 31 1.26 1.69 21.37
C ILE B 31 0.01 2.24 22.07
N ARG B 32 -0.08 1.93 23.36
CA ARG B 32 -1.17 2.35 24.23
C ARG B 32 -1.13 3.86 24.49
N TYR B 33 0.08 4.41 24.52
CA TYR B 33 0.28 5.84 24.68
C TYR B 33 -0.27 6.55 23.44
N PHE B 34 0.09 6.03 22.27
CA PHE B 34 -0.38 6.54 20.99
C PHE B 34 -1.90 6.55 20.93
N LYS B 35 -2.51 5.45 21.39
CA LYS B 35 -3.96 5.30 21.40
C LYS B 35 -4.65 6.37 22.24
N ASP B 36 -4.20 6.54 23.48
CA ASP B 36 -4.81 7.48 24.43
C ASP B 36 -4.64 8.96 24.06
N VAL B 37 -3.43 9.35 23.65
CA VAL B 37 -3.13 10.75 23.32
C VAL B 37 -3.85 11.24 22.05
N THR B 38 -3.95 10.38 21.04
CA THR B 38 -4.63 10.74 19.80
C THR B 38 -6.16 10.67 19.93
N THR B 39 -6.65 9.95 20.94
CA THR B 39 -8.10 9.78 21.13
C THR B 39 -8.74 10.82 22.07
N ARG B 40 -8.16 11.00 23.25
CA ARG B 40 -8.75 11.87 24.29
C ARG B 40 -8.86 13.35 23.92
N THR B 41 -9.96 13.96 24.38
CA THR B 41 -10.25 15.38 24.17
C THR B 41 -10.65 16.04 25.49
N THR B 42 -10.33 17.32 25.64
CA THR B 42 -10.66 18.06 26.86
C THR B 42 -12.10 18.57 26.78
N LYS B 43 -12.42 19.27 25.70
CA LYS B 43 -13.77 19.79 25.46
C LYS B 43 -14.70 18.62 25.20
N PRO B 44 -15.74 18.46 26.04
CA PRO B 44 -16.70 17.34 25.92
C PRO B 44 -17.37 17.24 24.54
N ASN B 45 -17.66 16.01 24.14
CA ASN B 45 -18.37 15.66 22.89
C ASN B 45 -17.62 15.92 21.58
N THR B 46 -16.40 16.46 21.66
CA THR B 46 -15.59 16.69 20.46
C THR B 46 -14.56 15.57 20.28
N ARG B 47 -14.00 15.48 19.08
CA ARG B 47 -13.00 14.45 18.77
C ARG B 47 -11.75 15.02 18.10
N ASN B 48 -10.69 14.22 18.10
CA ASN B 48 -9.43 14.59 17.45
C ASN B 48 -9.34 14.02 16.06
N ALA B 49 -8.48 14.60 15.23
CA ALA B 49 -8.25 14.12 13.89
C ALA B 49 -6.86 13.51 13.76
N VAL B 50 -6.76 12.46 12.96
CA VAL B 50 -5.48 11.83 12.67
C VAL B 50 -5.20 11.90 11.17
N ILE B 51 -4.06 12.50 10.81
CA ILE B 51 -3.68 12.65 9.41
C ILE B 51 -2.57 11.65 9.09
N MET B 52 -2.76 10.91 8.01
CA MET B 52 -1.80 9.89 7.61
C MET B 52 -1.63 9.84 6.08
N GLY B 53 -0.51 9.25 5.65
CA GLY B 53 -0.25 9.06 4.23
C GLY B 53 -1.02 7.86 3.73
N ARG B 54 -1.17 7.76 2.41
CA ARG B 54 -1.88 6.64 1.78
C ARG B 54 -1.32 5.28 2.20
N LYS B 55 0.00 5.12 2.12
CA LYS B 55 0.68 3.86 2.46
C LYS B 55 0.48 3.44 3.92
N THR B 56 0.46 4.42 4.84
CA THR B 56 0.26 4.14 6.27
C THR B 56 -1.14 3.62 6.53
N TRP B 57 -2.14 4.25 5.90
CA TRP B 57 -3.54 3.81 6.02
C TRP B 57 -3.70 2.35 5.63
N GLU B 58 -3.13 1.98 4.48
CA GLU B 58 -3.18 0.62 3.95
C GLU B 58 -2.45 -0.40 4.80
N SER B 59 -1.48 0.05 5.59
CA SER B 59 -0.71 -0.85 6.46
C SER B 59 -1.43 -1.17 7.77
N ILE B 60 -2.40 -0.33 8.14
CA ILE B 60 -3.18 -0.51 9.37
C ILE B 60 -4.14 -1.69 9.21
N PRO B 61 -4.10 -2.66 10.15
CA PRO B 61 -4.98 -3.84 10.13
C PRO B 61 -6.45 -3.46 9.89
N GLN B 62 -7.14 -4.29 9.10
CA GLN B 62 -8.54 -4.06 8.69
C GLN B 62 -9.46 -3.64 9.84
N LYS B 63 -9.38 -4.37 10.96
CA LYS B 63 -10.24 -4.12 12.13
C LYS B 63 -9.97 -2.78 12.83
N PHE B 64 -8.81 -2.18 12.56
CA PHE B 64 -8.45 -0.91 13.18
C PHE B 64 -8.54 0.29 12.22
N ARG B 65 -9.07 0.07 11.03
CA ARG B 65 -9.24 1.18 10.09
C ARG B 65 -10.68 1.29 9.62
N PRO B 66 -11.29 2.49 9.77
CA PRO B 66 -10.66 3.68 10.35
C PRO B 66 -10.37 3.55 11.84
N LEU B 67 -9.34 4.27 12.31
CA LEU B 67 -8.99 4.29 13.73
C LEU B 67 -10.18 4.84 14.52
N PRO B 68 -10.77 4.00 15.40
CA PRO B 68 -11.99 4.33 16.14
C PRO B 68 -11.89 5.60 16.99
N ASP B 69 -13.00 6.33 17.04
CA ASP B 69 -13.17 7.56 17.84
C ASP B 69 -12.29 8.75 17.40
N ARG B 70 -11.80 8.68 16.17
CA ARG B 70 -10.96 9.73 15.61
C ARG B 70 -11.33 9.95 14.15
N LEU B 71 -11.26 11.20 13.71
CA LEU B 71 -11.50 11.53 12.33
C LEU B 71 -10.22 11.19 11.55
N ASN B 72 -10.34 10.23 10.64
CA ASN B 72 -9.19 9.78 9.85
C ASN B 72 -9.05 10.57 8.55
N ILE B 73 -7.90 11.22 8.37
CA ILE B 73 -7.61 11.97 7.15
C ILE B 73 -6.47 11.27 6.42
N ILE B 74 -6.74 10.84 5.20
CA ILE B 74 -5.75 10.14 4.39
C ILE B 74 -5.24 11.08 3.28
N LEU B 75 -3.93 11.29 3.26
CA LEU B 75 -3.31 12.16 2.27
C LEU B 75 -2.83 11.39 1.05
N SER B 76 -3.12 11.96 -0.12
CA SER B 76 -2.69 11.42 -1.40
C SER B 76 -2.78 12.51 -2.46
N ARG B 77 -1.78 12.53 -3.34
CA ARG B 77 -1.72 13.51 -4.41
C ARG B 77 -2.71 13.21 -5.54
N SER B 78 -3.43 12.09 -5.40
CA SER B 78 -4.46 11.68 -6.35
C SER B 78 -5.88 11.96 -5.83
N TYR B 79 -6.02 12.05 -4.51
CA TYR B 79 -7.33 12.31 -3.91
C TYR B 79 -7.81 13.74 -4.14
N GLU B 80 -9.13 13.89 -4.15
CA GLU B 80 -9.76 15.18 -4.24
C GLU B 80 -10.10 15.59 -2.81
N ASN B 81 -10.26 16.88 -2.57
CA ASN B 81 -10.60 17.36 -1.23
C ASN B 81 -12.07 17.09 -0.93
N GLU B 82 -12.35 15.96 -0.30
CA GLU B 82 -13.73 15.56 0.00
C GLU B 82 -13.87 14.68 1.24
N ILE B 83 -15.08 14.72 1.80
CA ILE B 83 -15.43 13.93 2.96
C ILE B 83 -16.12 12.64 2.48
N ILE B 84 -15.58 11.50 2.90
CA ILE B 84 -16.13 10.19 2.49
C ILE B 84 -17.29 9.77 3.39
N ASP B 85 -17.09 9.89 4.71
CA ASP B 85 -18.15 9.60 5.69
C ASP B 85 -17.89 10.35 7.00
N ASP B 86 -18.53 9.90 8.08
CA ASP B 86 -18.38 10.55 9.39
C ASP B 86 -17.02 10.32 10.03
N ASN B 87 -16.23 9.42 9.47
CA ASN B 87 -14.92 9.08 10.05
C ASN B 87 -13.75 9.17 9.08
N ILE B 88 -14.04 9.31 7.79
CA ILE B 88 -12.99 9.32 6.77
C ILE B 88 -13.01 10.55 5.86
N ILE B 89 -11.87 11.24 5.80
CA ILE B 89 -11.69 12.39 4.93
C ILE B 89 -10.53 12.12 3.97
N HIS B 90 -10.72 12.51 2.71
CA HIS B 90 -9.71 12.37 1.66
C HIS B 90 -9.22 13.76 1.25
N ALA B 91 -7.90 13.96 1.31
CA ALA B 91 -7.32 15.26 0.99
C ALA B 91 -5.98 15.16 0.27
N SER B 92 -5.61 16.25 -0.41
CA SER B 92 -4.35 16.34 -1.14
C SER B 92 -3.31 17.18 -0.38
N SER B 93 -3.74 17.79 0.73
CA SER B 93 -2.85 18.59 1.58
C SER B 93 -3.42 18.74 2.99
N ILE B 94 -2.54 19.06 3.94
CA ILE B 94 -2.96 19.29 5.32
C ILE B 94 -3.81 20.56 5.39
N GLU B 95 -3.43 21.57 4.61
CA GLU B 95 -4.16 22.84 4.56
C GLU B 95 -5.63 22.62 4.14
N SER B 96 -5.81 21.88 3.05
CA SER B 96 -7.15 21.59 2.52
C SER B 96 -7.97 20.69 3.46
N SER B 97 -7.30 19.73 4.09
CA SER B 97 -7.97 18.80 5.01
C SER B 97 -8.59 19.55 6.18
N LEU B 98 -7.87 20.55 6.68
CA LEU B 98 -8.35 21.38 7.80
C LEU B 98 -9.53 22.27 7.40
N ASN B 99 -9.66 22.53 6.10
CA ASN B 99 -10.78 23.34 5.58
C ASN B 99 -12.09 22.55 5.51
N LEU B 100 -11.98 21.23 5.53
CA LEU B 100 -13.13 20.33 5.51
C LEU B 100 -13.49 19.90 6.93
N VAL B 101 -12.51 20.01 7.82
CA VAL B 101 -12.64 19.64 9.23
C VAL B 101 -13.46 20.65 10.03
N SER B 102 -14.30 20.13 10.93
CA SER B 102 -15.13 20.92 11.82
C SER B 102 -15.27 20.19 13.15
N ASP B 103 -15.37 20.96 14.24
CA ASP B 103 -15.50 20.42 15.61
C ASP B 103 -14.36 19.45 15.95
N VAL B 104 -13.12 19.92 15.78
CA VAL B 104 -11.93 19.13 16.07
C VAL B 104 -10.96 19.95 16.93
N GLU B 105 -10.61 19.41 18.10
CA GLU B 105 -9.71 20.08 19.04
C GLU B 105 -8.24 19.98 18.63
N ARG B 106 -7.77 18.75 18.43
CA ARG B 106 -6.37 18.50 18.08
C ARG B 106 -6.22 17.66 16.82
N VAL B 107 -5.14 17.90 16.09
CA VAL B 107 -4.81 17.15 14.89
C VAL B 107 -3.46 16.49 15.06
N PHE B 108 -3.40 15.18 14.87
CA PHE B 108 -2.17 14.43 14.98
C PHE B 108 -1.74 13.80 13.67
N ILE B 109 -0.50 14.07 13.28
CA ILE B 109 0.09 13.48 12.09
C ILE B 109 0.75 12.19 12.57
N ILE B 110 0.21 11.07 12.10
CA ILE B 110 0.64 9.75 12.60
C ILE B 110 1.58 8.97 11.65
N GLY B 111 1.97 9.59 10.55
CA GLY B 111 2.87 8.95 9.59
C GLY B 111 2.35 8.94 8.16
N GLY B 112 3.12 8.38 7.23
CA GLY B 112 4.42 7.77 7.52
C GLY B 112 5.62 8.64 7.28
N ALA B 113 6.72 8.02 6.87
CA ALA B 113 8.02 8.66 6.66
C ALA B 113 7.99 9.86 5.71
N GLU B 114 7.42 9.69 4.53
CA GLU B 114 7.35 10.78 3.55
C GLU B 114 6.47 11.92 4.06
N ILE B 115 5.43 11.55 4.81
CA ILE B 115 4.50 12.52 5.40
C ILE B 115 5.20 13.33 6.50
N TYR B 116 5.91 12.63 7.41
CA TYR B 116 6.64 13.30 8.48
C TYR B 116 7.61 14.33 7.92
N ASN B 117 8.49 13.87 7.01
CA ASN B 117 9.53 14.70 6.40
C ASN B 117 9.00 15.82 5.50
N GLU B 118 7.78 15.65 4.99
CA GLU B 118 7.14 16.62 4.11
C GLU B 118 6.37 17.67 4.92
N LEU B 119 6.10 17.37 6.19
CA LEU B 119 5.31 18.27 7.04
C LEU B 119 6.06 18.84 8.25
N ILE B 120 7.22 18.28 8.58
CA ILE B 120 8.04 18.78 9.70
C ILE B 120 8.36 20.27 9.54
N ASN B 121 8.52 20.70 8.29
CA ASN B 121 8.85 22.09 7.97
C ASN B 121 7.65 22.96 7.60
N ASN B 122 6.45 22.44 7.81
CA ASN B 122 5.22 23.18 7.56
C ASN B 122 4.81 23.94 8.82
N SER B 123 4.55 25.25 8.65
CA SER B 123 4.23 26.15 9.77
C SER B 123 2.95 25.79 10.55
N LEU B 124 2.06 25.02 9.92
CA LEU B 124 0.83 24.57 10.58
C LEU B 124 1.13 23.62 11.74
N VAL B 125 2.20 22.85 11.60
CA VAL B 125 2.64 21.93 12.65
C VAL B 125 3.35 22.75 13.73
N SER B 126 2.81 22.71 14.94
CA SER B 126 3.32 23.50 16.05
C SER B 126 3.96 22.69 17.19
N HIS B 127 3.60 21.41 17.28
CA HIS B 127 4.13 20.53 18.33
C HIS B 127 4.67 19.21 17.78
N LEU B 128 5.65 18.64 18.49
CA LEU B 128 6.21 17.35 18.14
C LEU B 128 6.20 16.43 19.35
N LEU B 129 5.48 15.31 19.23
CA LEU B 129 5.44 14.31 20.27
C LEU B 129 6.27 13.12 19.82
N ILE B 130 7.54 13.16 20.18
CA ILE B 130 8.50 12.14 19.76
C ILE B 130 8.84 11.20 20.90
N THR B 131 8.69 9.91 20.65
CA THR B 131 9.08 8.89 21.61
C THR B 131 10.53 8.53 21.30
N GLU B 132 11.44 9.07 22.10
CA GLU B 132 12.88 8.84 21.91
C GLU B 132 13.29 7.47 22.45
N ILE B 133 13.59 6.56 21.53
CA ILE B 133 13.97 5.19 21.88
C ILE B 133 15.49 5.04 21.87
N GLU B 134 16.02 4.36 22.89
CA GLU B 134 17.46 4.11 23.02
C GLU B 134 17.74 2.61 23.06
N HIS B 135 18.86 2.22 22.44
CA HIS B 135 19.30 0.83 22.39
C HIS B 135 20.81 0.80 22.61
N PRO B 136 21.31 -0.15 23.43
CA PRO B 136 22.76 -0.26 23.73
C PRO B 136 23.63 -0.27 22.47
N SER B 137 23.17 -0.99 21.44
CA SER B 137 23.85 -1.07 20.15
CA SER B 137 23.89 -1.42 19.96
C SER B 137 22.89 -0.62 19.05
N PRO B 138 22.76 0.71 18.85
CA PRO B 138 21.82 1.28 17.86
C PRO B 138 22.01 0.80 16.42
N GLU B 139 23.26 0.54 16.04
CA GLU B 139 23.59 0.11 14.67
C GLU B 139 23.22 -1.35 14.37
N SER B 140 22.95 -2.14 15.41
CA SER B 140 22.60 -3.55 15.26
C SER B 140 21.19 -3.76 14.70
N ILE B 141 20.34 -2.73 14.81
CA ILE B 141 18.98 -2.78 14.29
C ILE B 141 18.99 -2.32 12.83
N GLU B 142 18.41 -3.13 11.95
CA GLU B 142 18.31 -2.80 10.53
C GLU B 142 17.34 -1.66 10.32
N MET B 143 17.76 -0.64 9.58
CA MET B 143 16.94 0.54 9.34
C MET B 143 17.21 1.12 7.95
N ASP B 144 16.13 1.46 7.26
CA ASP B 144 16.23 2.06 5.92
C ASP B 144 15.35 3.32 5.80
N THR B 145 14.53 3.55 6.81
CA THR B 145 13.63 4.69 6.85
C THR B 145 13.99 5.59 8.04
N PHE B 146 14.24 6.86 7.75
CA PHE B 146 14.67 7.82 8.77
C PHE B 146 13.91 9.13 8.75
N LEU B 147 13.96 9.86 9.86
CA LEU B 147 13.34 11.18 9.97
C LEU B 147 14.38 12.25 9.68
N LYS B 148 14.02 13.19 8.80
CA LYS B 148 14.89 14.32 8.46
C LYS B 148 14.36 15.56 9.18
N PHE B 149 14.47 15.52 10.51
CA PHE B 149 13.95 16.55 11.39
C PHE B 149 15.03 17.51 11.89
N PRO B 150 14.90 18.81 11.56
CA PRO B 150 15.84 19.81 12.04
C PRO B 150 15.52 20.17 13.49
N LEU B 151 15.83 19.25 14.41
CA LEU B 151 15.53 19.40 15.84
C LEU B 151 16.23 20.58 16.52
N GLU B 152 17.25 21.12 15.84
CA GLU B 152 17.98 22.29 16.34
C GLU B 152 17.08 23.52 16.35
N SER B 153 16.07 23.50 15.48
CA SER B 153 15.11 24.60 15.34
C SER B 153 13.90 24.44 16.28
N TRP B 154 13.92 23.37 17.07
CA TRP B 154 12.85 23.08 18.03
C TRP B 154 13.39 23.05 19.45
N THR B 155 12.53 23.35 20.41
CA THR B 155 12.89 23.34 21.83
C THR B 155 12.19 22.17 22.52
N LYS B 156 12.97 21.29 23.13
CA LYS B 156 12.43 20.16 23.88
C LYS B 156 11.88 20.68 25.20
N GLN B 157 10.55 20.61 25.33
CA GLN B 157 9.85 21.09 26.51
C GLN B 157 10.06 20.18 27.72
N PRO B 158 9.99 20.74 28.95
CA PRO B 158 10.12 19.91 30.15
C PRO B 158 8.92 18.98 30.28
N LYS B 159 9.06 17.94 31.10
CA LYS B 159 7.99 16.93 31.27
C LYS B 159 6.65 17.55 31.71
N SER B 160 6.70 18.64 32.48
CA SER B 160 5.49 19.31 32.98
C SER B 160 4.61 19.85 31.86
N GLU B 161 5.24 20.36 30.80
CA GLU B 161 4.51 20.87 29.64
C GLU B 161 3.83 19.73 28.88
N LEU B 162 4.54 18.60 28.77
CA LEU B 162 4.01 17.41 28.12
C LEU B 162 2.84 16.85 28.94
N GLN B 163 3.01 16.83 30.26
CA GLN B 163 2.00 16.31 31.19
C GLN B 163 0.67 17.08 31.08
N LYS B 164 0.76 18.41 30.97
CA LYS B 164 -0.44 19.24 30.82
C LYS B 164 -1.11 19.04 29.47
N PHE B 165 -0.31 18.69 28.47
CA PHE B 165 -0.80 18.44 27.12
C PHE B 165 -1.58 17.11 27.05
N VAL B 166 -1.02 16.06 27.65
CA VAL B 166 -1.65 14.73 27.64
C VAL B 166 -2.73 14.56 28.72
N GLY B 167 -2.85 15.54 29.61
CA GLY B 167 -3.84 15.49 30.69
C GLY B 167 -3.47 14.48 31.76
N ASP B 168 -4.46 13.71 32.21
CA ASP B 168 -4.25 12.71 33.27
C ASP B 168 -3.56 11.42 32.78
N THR B 169 -3.02 11.46 31.57
CA THR B 169 -2.31 10.31 30.99
C THR B 169 -1.02 10.06 31.77
N VAL B 170 -0.79 8.80 32.12
CA VAL B 170 0.38 8.39 32.90
C VAL B 170 1.66 8.41 32.05
N LEU B 171 2.61 9.24 32.48
CA LEU B 171 3.90 9.37 31.81
C LEU B 171 5.01 8.82 32.70
N GLU B 172 5.51 7.64 32.34
CA GLU B 172 6.56 6.99 33.10
C GLU B 172 7.93 7.30 32.52
N ASP B 173 8.95 7.33 33.39
CA ASP B 173 10.31 7.60 32.96
C ASP B 173 11.05 6.30 32.65
N ASP B 174 11.89 6.36 31.61
CA ASP B 174 12.73 5.23 31.16
C ASP B 174 11.99 3.89 31.10
N ILE B 175 10.98 3.80 30.25
CA ILE B 175 10.21 2.57 30.08
C ILE B 175 11.08 1.54 29.37
N LYS B 176 11.43 0.47 30.07
CA LYS B 176 12.32 -0.57 29.53
C LYS B 176 11.58 -1.83 29.09
N GLU B 177 11.55 -2.04 27.77
CA GLU B 177 10.95 -3.23 27.17
C GLU B 177 12.01 -3.91 26.31
N GLY B 178 12.53 -5.04 26.80
CA GLY B 178 13.61 -5.76 26.12
C GLY B 178 14.89 -4.99 26.32
N ASP B 179 15.61 -4.75 25.22
CA ASP B 179 16.84 -3.96 25.25
C ASP B 179 16.55 -2.48 25.00
N PHE B 180 15.35 -2.19 24.49
CA PHE B 180 14.93 -0.82 24.20
C PHE B 180 14.54 -0.06 25.46
N THR B 181 14.86 1.23 25.47
CA THR B 181 14.51 2.12 26.58
C THR B 181 14.02 3.43 25.97
N TYR B 182 12.77 3.80 26.26
CA TYR B 182 12.18 4.99 25.65
C TYR B 182 11.50 5.95 26.62
N ASN B 183 11.32 7.19 26.14
CA ASN B 183 10.70 8.27 26.89
C ASN B 183 9.86 9.15 25.98
N TYR B 184 8.80 9.72 26.54
CA TYR B 184 7.92 10.60 25.78
C TYR B 184 8.40 12.04 25.92
N THR B 185 8.45 12.76 24.81
CA THR B 185 8.91 14.15 24.80
C THR B 185 7.99 15.06 23.98
N LEU B 186 7.97 16.33 24.36
CA LEU B 186 7.21 17.37 23.65
C LEU B 186 8.18 18.41 23.10
N TRP B 187 7.99 18.79 21.84
CA TRP B 187 8.84 19.77 21.18
C TRP B 187 8.02 20.90 20.54
N THR B 188 8.48 22.14 20.75
CA THR B 188 7.85 23.34 20.18
C THR B 188 8.86 24.14 19.36
N ARG B 189 8.37 24.96 18.44
CA ARG B 189 9.24 25.76 17.58
C ARG B 189 9.93 26.91 18.31
N LYS B 190 11.19 27.14 17.95
CA LYS B 190 11.98 28.24 18.50
C LYS B 190 11.54 29.58 17.90
PA NDP C . -11.69 -9.13 -22.30
O1A NDP C . -10.59 -9.81 -23.00
O2A NDP C . -11.20 -8.47 -21.07
O5B NDP C . -12.42 -8.07 -23.23
C5B NDP C . -12.33 -8.12 -24.64
C4B NDP C . -12.46 -6.68 -25.09
O4B NDP C . -11.19 -6.05 -25.08
C3B NDP C . -13.00 -6.57 -26.50
O3B NDP C . -14.40 -6.52 -26.52
C2B NDP C . -12.36 -5.29 -26.97
O2B NDP C . -13.12 -4.17 -26.57
C1B NDP C . -11.03 -5.24 -26.23
N9A NDP C . -9.92 -5.76 -27.06
C8A NDP C . -9.67 -7.06 -27.37
N7A NDP C . -8.56 -7.13 -28.13
C5A NDP C . -8.09 -5.87 -28.32
C6A NDP C . -6.99 -5.38 -29.00
N6A NDP C . -6.18 -6.22 -29.65
N1A NDP C . -6.75 -4.02 -29.02
C2A NDP C . -7.60 -3.16 -28.35
N3A NDP C . -8.69 -3.66 -27.66
C4A NDP C . -8.93 -5.00 -27.64
O3 NDP C . -12.89 -10.15 -21.96
PN NDP C . -13.16 -11.66 -22.40
O1N NDP C . -14.63 -11.86 -22.52
O2N NDP C . -12.28 -12.00 -23.55
O5D NDP C . -12.63 -12.47 -21.13
C5D NDP C . -13.41 -12.58 -19.95
C4D NDP C . -13.11 -13.94 -19.32
O4D NDP C . -11.75 -13.97 -18.90
C3D NDP C . -13.95 -14.22 -18.09
O3D NDP C . -14.64 -15.44 -18.24
C2D NDP C . -12.99 -14.32 -16.94
O2D NDP C . -13.31 -15.37 -16.07
C1D NDP C . -11.65 -14.56 -17.62
N1N NDP C . -10.53 -14.00 -16.83
C2N NDP C . -9.79 -14.86 -16.08
C3N NDP C . -8.71 -14.41 -15.32
C7N NDP C . -7.81 -15.40 -14.64
O7N NDP C . -6.51 -15.01 -14.26
N7N NDP C . -8.26 -16.62 -14.39
C4N NDP C . -8.40 -13.05 -15.35
C5N NDP C . -9.15 -12.17 -16.13
C6N NDP C . -10.22 -12.66 -16.88
P2B NDP C . -14.17 -3.45 -27.56
O1X NDP C . -14.81 -2.31 -26.81
O2X NDP C . -13.44 -2.94 -28.78
O3X NDP C . -15.22 -4.45 -27.97
C6 53S D . -6.14 -12.30 -11.97
C5 53S D . -6.06 -13.03 -10.78
C2 53S D . -14.27 -10.48 -11.17
C20 53S D . -8.70 -9.22 -7.50
C21 53S D . -8.10 -8.89 -6.29
C22 53S D . -8.60 -7.82 -5.54
C26 53S D . -7.94 -7.46 -4.20
C23 53S D . -9.68 -7.08 -6.00
C24 53S D . -10.27 -7.40 -7.22
C25 53S D . -9.79 -8.48 -7.99
C18 53S D . -10.38 -8.82 -9.20
C19 53S D . -9.59 -9.13 -10.31
C17 53S D . -11.77 -8.88 -9.30
C16 53S D . -12.38 -9.23 -10.51
O17 53S D . -13.74 -9.27 -10.59
C15 53S D . -11.57 -9.53 -11.62
C14 53S D . -10.18 -9.49 -11.53
C12 53S D . -9.36 -9.83 -12.77
C13 53S D . -8.84 -8.53 -13.40
C11 53S D . -8.22 -10.71 -12.47
C10 53S D . -7.27 -11.45 -12.23
C8 53S D . -7.18 -12.95 -9.72
N4 53S D . -5.00 -13.82 -10.57
C3 53S D . -4.01 -13.92 -11.47
N7 53S D . -2.97 -14.72 -11.22
N2 53S D . -4.06 -13.22 -12.62
C1 53S D . -5.11 -12.42 -12.89
N9 53S D . -5.12 -11.75 -14.03
PA NDP E . 3.66 7.26 3.86
O1A NDP E . 4.46 8.47 4.19
O2A NDP E . 2.60 7.02 4.86
O5B NDP E . 3.00 7.41 2.40
C5B NDP E . 3.49 8.33 1.45
C4B NDP E . 2.29 8.65 0.57
O4B NDP E . 1.60 9.78 1.07
C3B NDP E . 2.68 8.97 -0.86
O3B NDP E . 2.76 7.82 -1.66
C2B NDP E . 1.56 9.90 -1.27
O2B NDP E . 0.45 9.19 -1.76
C1B NDP E . 1.16 10.60 0.00
N9A NDP E . 1.78 11.93 0.07
C8A NDP E . 3.12 12.21 0.25
N7A NDP E . 3.29 13.55 0.25
C5A NDP E . 2.08 14.14 0.08
C6A NDP E . 1.69 15.47 0.00
N6A NDP E . 2.60 16.44 0.11
N1A NDP E . 0.36 15.77 -0.19
C2A NDP E . -0.57 14.76 -0.30
N3A NDP E . -0.18 13.44 -0.22
C4A NDP E . 1.13 13.13 -0.04
O3 NDP E . 4.60 5.98 3.68
PN NDP E . 6.20 5.78 3.72
O1N NDP E . 6.53 4.56 2.96
O2N NDP E . 6.85 7.06 3.38
O5D NDP E . 6.46 5.48 5.28
C5D NDP E . 5.62 4.60 5.98
C4D NDP E . 6.46 3.71 6.87
O4D NDP E . 6.95 4.44 7.97
C3D NDP E . 5.61 2.58 7.42
O3D NDP E . 5.82 1.41 6.66
C2D NDP E . 6.06 2.42 8.86
O2D NDP E . 6.88 1.31 9.03
C1D NDP E . 6.85 3.69 9.17
N1N NDP E . 6.17 4.46 10.24
C2N NDP E . 6.83 4.65 11.41
C3N NDP E . 6.24 5.36 12.47
C7N NDP E . 6.84 5.25 13.85
O7N NDP E . 6.30 6.03 14.90
N7N NDP E . 7.86 4.43 14.05
C4N NDP E . 4.95 5.86 12.30
C5N NDP E . 4.28 5.67 11.09
C6N NDP E . 4.90 4.96 10.07
P2B NDP E . 0.25 9.05 -3.35
O1X NDP E . -1.16 8.56 -3.59
O2X NDP E . 0.46 10.39 -4.01
O3X NDP E . 1.24 8.04 -3.87
C6 53S F . 2.56 5.56 15.95
C5 53S F . 2.84 4.91 17.15
C2 53S F . 0.91 -1.07 11.02
C20 53S F . -1.96 1.35 16.91
C21 53S F . -2.82 1.20 17.99
C22 53S F . -4.07 0.62 17.83
C26 53S F . -5.01 0.46 19.03
C23 53S F . -4.47 0.17 16.57
C24 53S F . -3.62 0.32 15.49
C25 53S F . -2.36 0.91 15.64
C18 53S F . -1.52 1.04 14.53
C19 53S F . -0.87 2.25 14.26
C17 53S F . -1.34 -0.05 13.67
C16 53S F . -0.51 0.06 12.56
O17 53S F . -0.34 -1.02 11.73
C15 53S F . 0.14 1.27 12.30
C14 53S F . -0.03 2.36 13.14
C12 53S F . 0.72 3.65 12.77
C13 53S F . -0.27 4.65 12.16
C11 53S F . 1.37 4.32 13.92
C10 53S F . 1.91 4.88 14.85
C8 53S F . 2.49 3.43 17.38
N4 53S F . 3.44 5.60 18.13
C3 53S F . 3.76 6.90 17.98
N7 53S F . 4.36 7.56 18.96
N2 53S F . 3.50 7.54 16.83
C1 53S F . 2.90 6.89 15.81
N9 53S F . 2.65 7.55 14.68
C1 GOL G . -2.80 -2.97 18.04
O1 GOL G . -2.69 -3.63 19.27
C2 GOL G . -1.68 -3.46 17.13
O2 GOL G . -0.48 -2.83 17.47
C3 GOL G . -2.01 -3.13 15.67
O3 GOL G . -1.02 -3.67 14.83
#